data_3JZB
#
_entry.id   3JZB
#
_cell.length_a   60.020
_cell.length_b   80.825
_cell.length_c   102.355
_cell.angle_alpha   90.00
_cell.angle_beta   90.00
_cell.angle_gamma   90.00
#
_symmetry.space_group_name_H-M   'P 21 21 21'
#
loop_
_entity.id
_entity.type
_entity.pdbx_description
1 polymer 'THRA protein'
2 non-polymer '[4-(4-HYDROXY-3-IODO-PHENOXY)-3,5-DIIODO-PHENYL]-ACETIC ACID'
3 water water
#
_entity_poly.entity_id   1
_entity_poly.type   'polypeptide(L)'
_entity_poly.pdbx_seq_one_letter_code
;GSHMEEMIRSLQQRPEPTPEEWDLIHIATEAHRSTNAQGSHWKQRRKFLPDDIGQSPIVSMPDGDKVDLEAFSEFTKIIT
PAITRVVDFAKKLPMFSELP(CAS)EDQIILLKGCCMEIMSLRAAVRYDPESDTLTLSGEMAVKREQLKNGGLGVVSDAI
FELGKSLSAFNLDDTEVALLQAVLLMSTDRSGLL(CAS)VDKIEKSQEAYLLAFEHYVNHRKHNIPHFWPKLLMKVTDLR
MIGA(CAS)HASRFLHMKVE(CAS)PTELFPPLFLEVFEDQEV
;
_entity_poly.pdbx_strand_id   A
#
# COMPACT_ATOMS: atom_id res chain seq x y z
N GLY A 1 15.30 -11.19 34.16
CA GLY A 1 14.51 -10.36 35.04
C GLY A 1 13.83 -11.11 36.18
N SER A 2 12.58 -10.75 36.49
CA SER A 2 11.80 -11.45 37.50
C SER A 2 11.57 -12.91 37.07
N HIS A 3 11.20 -13.75 38.04
CA HIS A 3 10.92 -15.17 37.74
C HIS A 3 9.77 -15.32 36.74
N MET A 4 8.67 -14.60 36.95
CA MET A 4 7.53 -14.64 36.03
C MET A 4 7.92 -14.16 34.65
N GLU A 5 8.64 -13.05 34.61
CA GLU A 5 9.09 -12.47 33.35
C GLU A 5 9.89 -13.49 32.57
N GLU A 6 10.84 -14.13 33.25
CA GLU A 6 11.70 -15.11 32.63
C GLU A 6 10.86 -16.28 32.13
N MET A 7 9.92 -16.75 32.95
CA MET A 7 9.00 -17.83 32.54
C MET A 7 8.22 -17.49 31.28
N ILE A 8 7.70 -16.27 31.26
CA ILE A 8 6.90 -15.77 30.15
C ILE A 8 7.74 -15.63 28.86
N ARG A 9 9.01 -15.30 29.04
CA ARG A 9 9.91 -15.05 27.92
C ARG A 9 10.78 -16.26 27.56
N SER A 10 10.46 -17.43 28.09
CA SER A 10 11.29 -18.62 27.85
C SER A 10 11.48 -18.94 26.34
N LEU A 11 10.38 -19.02 25.60
CA LEU A 11 10.43 -19.39 24.18
C LEU A 11 10.73 -18.21 23.25
N GLN A 12 11.20 -17.11 23.83
CA GLN A 12 11.64 -15.96 23.06
C GLN A 12 13.04 -15.59 23.49
N GLN A 13 13.75 -14.88 22.63
CA GLN A 13 14.93 -14.15 23.06
C GLN A 13 15.12 -12.93 22.17
N ARG A 14 14.54 -12.96 20.96
CA ARG A 14 14.53 -11.77 20.11
C ARG A 14 13.67 -10.68 20.78
N PRO A 15 14.10 -9.43 20.70
CA PRO A 15 13.41 -8.33 21.38
C PRO A 15 11.92 -8.25 21.00
N GLU A 16 11.05 -8.15 22.01
CA GLU A 16 9.61 -7.89 21.84
C GLU A 16 9.39 -6.39 21.80
N PRO A 17 8.20 -5.96 21.35
CA PRO A 17 7.90 -4.53 21.44
C PRO A 17 7.93 -4.06 22.90
N THR A 18 8.45 -2.86 23.15
CA THR A 18 8.31 -2.26 24.46
C THR A 18 6.87 -1.79 24.65
N PRO A 19 6.49 -1.43 25.89
CA PRO A 19 5.11 -0.95 26.05
C PRO A 19 4.81 0.27 25.14
N GLU A 20 5.78 1.13 24.92
CA GLU A 20 5.62 2.31 24.06
C GLU A 20 5.39 1.90 22.62
N GLU A 21 6.15 0.89 22.18
CA GLU A 21 5.97 0.35 20.84
C GLU A 21 4.63 -0.32 20.67
N TRP A 22 4.15 -1.03 21.70
CA TRP A 22 2.81 -1.62 21.64
C TRP A 22 1.71 -0.55 21.45
N ASP A 23 1.85 0.60 22.13
CA ASP A 23 0.92 1.72 21.92
C ASP A 23 0.95 2.14 20.45
N LEU A 24 2.16 2.38 19.95
CA LEU A 24 2.34 2.78 18.56
C LEU A 24 1.71 1.74 17.60
N ILE A 25 1.95 0.46 17.90
CA ILE A 25 1.44 -0.66 17.12
C ILE A 25 -0.09 -0.67 17.13
N HIS A 26 -0.67 -0.47 18.31
CA HIS A 26 -2.12 -0.50 18.43
C HIS A 26 -2.78 0.65 17.66
N ILE A 27 -2.26 1.86 17.81
CA ILE A 27 -2.83 3.00 17.09
C ILE A 27 -2.75 2.81 15.56
N ALA A 28 -1.61 2.36 15.06
CA ALA A 28 -1.45 2.16 13.62
C ALA A 28 -2.38 1.05 13.11
N THR A 29 -2.47 -0.03 13.88
CA THR A 29 -3.31 -1.15 13.48
C THR A 29 -4.79 -0.70 13.38
N GLU A 30 -5.26 0.03 14.37
CA GLU A 30 -6.64 0.50 14.37
C GLU A 30 -6.88 1.55 13.27
N ALA A 31 -5.85 2.37 13.01
CA ALA A 31 -5.94 3.36 11.94
C ALA A 31 -6.12 2.66 10.58
N HIS A 32 -5.42 1.54 10.40
CA HIS A 32 -5.57 0.76 9.17
C HIS A 32 -6.93 0.08 9.14
N ARG A 33 -7.34 -0.58 10.23
CA ARG A 33 -8.56 -1.35 10.17
C ARG A 33 -9.74 -0.45 9.89
N SER A 34 -9.73 0.77 10.42
CA SER A 34 -10.89 1.65 10.27
C SER A 34 -10.90 2.30 8.90
N THR A 35 -9.81 2.20 8.16
CA THR A 35 -9.79 2.78 6.81
C THR A 35 -9.57 1.74 5.71
N ASN A 36 -9.81 0.47 5.99
CA ASN A 36 -9.56 -0.53 4.95
C ASN A 36 -10.88 -1.18 4.48
N ALA A 37 -11.31 -0.78 3.29
CA ALA A 37 -12.65 -1.08 2.77
C ALA A 37 -13.06 -2.53 2.98
N GLN A 38 -14.16 -2.73 3.70
CA GLN A 38 -14.77 -4.03 3.95
C GLN A 38 -14.00 -4.80 5.05
N GLY A 39 -14.71 -5.13 6.13
CA GLY A 39 -14.07 -5.68 7.31
C GLY A 39 -13.66 -7.14 7.20
N SER A 40 -12.61 -7.42 6.45
CA SER A 40 -12.14 -8.78 6.28
C SER A 40 -13.22 -9.63 5.62
N HIS A 41 -14.23 -8.97 5.08
CA HIS A 41 -15.30 -9.65 4.39
C HIS A 41 -15.22 -9.43 2.88
N TRP A 42 -14.02 -9.12 2.40
CA TRP A 42 -13.88 -8.72 1.00
C TRP A 42 -14.15 -9.82 -0.02
N LYS A 43 -13.72 -11.05 0.25
CA LYS A 43 -13.81 -12.09 -0.78
C LYS A 43 -15.25 -12.56 -1.02
N GLN A 44 -16.10 -12.38 -0.02
CA GLN A 44 -17.50 -12.78 -0.13
C GLN A 44 -18.23 -11.91 -1.13
N ARG A 45 -18.32 -10.63 -0.80
CA ARG A 45 -19.18 -9.72 -1.54
C ARG A 45 -18.43 -8.90 -2.59
N ARG A 46 -17.43 -9.51 -3.22
CA ARG A 46 -16.73 -8.84 -4.29
C ARG A 46 -17.33 -9.26 -5.63
N LYS A 47 -17.26 -8.38 -6.62
CA LYS A 47 -17.74 -8.69 -7.96
C LYS A 47 -16.58 -8.64 -8.94
N PHE A 48 -16.62 -9.46 -9.98
CA PHE A 48 -15.60 -9.40 -11.02
C PHE A 48 -15.88 -8.30 -12.03
N LEU A 49 -14.84 -7.59 -12.41
CA LEU A 49 -14.94 -6.71 -13.56
C LEU A 49 -15.22 -7.61 -14.75
N PRO A 50 -16.33 -7.34 -15.47
CA PRO A 50 -16.78 -8.18 -16.59
C PRO A 50 -15.66 -8.51 -17.57
N ASP A 51 -15.58 -9.76 -17.99
CA ASP A 51 -14.50 -10.24 -18.87
C ASP A 51 -14.36 -9.48 -20.20
N ASP A 52 -15.40 -8.78 -20.62
CA ASP A 52 -15.35 -8.09 -21.91
C ASP A 52 -14.71 -6.71 -21.77
N ILE A 53 -14.45 -6.30 -20.53
CA ILE A 53 -13.83 -5.01 -20.26
C ILE A 53 -12.35 -5.15 -20.00
N GLY A 54 -11.55 -4.28 -20.58
CA GLY A 54 -10.12 -4.39 -20.38
C GLY A 54 -9.41 -5.26 -21.41
N GLN A 55 -10.08 -5.56 -22.53
CA GLN A 55 -9.46 -6.36 -23.59
C GLN A 55 -9.08 -5.51 -24.82
N SER A 56 -9.27 -4.19 -24.73
CA SER A 56 -9.19 -3.34 -25.92
C SER A 56 -8.30 -2.11 -25.73
N PRO A 57 -7.00 -2.33 -25.54
CA PRO A 57 -6.15 -1.15 -25.42
C PRO A 57 -5.96 -0.46 -26.79
N ILE A 58 -6.30 0.81 -26.94
CA ILE A 58 -6.12 1.47 -28.22
C ILE A 58 -5.57 2.89 -28.14
N VAL A 59 -5.35 3.40 -26.93
CA VAL A 59 -4.74 4.71 -26.79
C VAL A 59 -3.26 4.49 -26.59
N SER A 60 -2.43 5.14 -27.39
CA SER A 60 -1.01 4.77 -27.39
C SER A 60 -0.32 5.35 -26.18
N MET A 61 0.74 4.70 -25.74
CA MET A 61 1.56 5.18 -24.65
C MET A 61 3.00 5.07 -25.13
N PRO A 62 3.91 5.93 -24.65
CA PRO A 62 5.29 5.86 -25.13
C PRO A 62 5.86 4.46 -24.99
N ASP A 63 5.63 3.74 -23.88
CA ASP A 63 6.27 2.41 -23.76
C ASP A 63 5.59 1.33 -24.58
N GLY A 64 4.60 1.71 -25.36
CA GLY A 64 3.94 0.76 -26.25
C GLY A 64 2.85 -0.08 -25.64
N ASP A 65 2.65 0.02 -24.32
CA ASP A 65 1.49 -0.65 -23.68
C ASP A 65 0.29 0.29 -23.69
N LYS A 66 -0.67 0.01 -24.57
CA LYS A 66 -1.78 0.90 -24.84
C LYS A 66 -2.85 0.89 -23.76
N VAL A 67 -3.76 1.85 -23.82
CA VAL A 67 -4.78 1.95 -22.78
C VAL A 67 -6.19 1.76 -23.30
N ASP A 68 -6.98 0.95 -22.57
CA ASP A 68 -8.39 0.71 -22.83
C ASP A 68 -9.16 1.74 -22.00
N LEU A 69 -9.80 2.70 -22.68
CA LEU A 69 -10.46 3.82 -22.01
C LEU A 69 -11.61 3.37 -21.14
N GLU A 70 -12.29 2.32 -21.58
CA GLU A 70 -13.39 1.84 -20.78
C GLU A 70 -12.88 1.26 -19.44
N ALA A 71 -11.81 0.46 -19.49
CA ALA A 71 -11.30 -0.11 -18.25
C ALA A 71 -10.72 1.04 -17.40
N PHE A 72 -10.04 1.98 -18.06
CA PHE A 72 -9.47 3.10 -17.32
C PHE A 72 -10.58 3.82 -16.55
N SER A 73 -11.68 4.09 -17.23
CA SER A 73 -12.82 4.72 -16.57
C SER A 73 -13.37 3.91 -15.41
N GLU A 74 -13.52 2.60 -15.57
CA GLU A 74 -13.95 1.75 -14.44
C GLU A 74 -13.03 1.85 -13.22
N PHE A 75 -11.72 1.82 -13.44
CA PHE A 75 -10.78 1.93 -12.34
C PHE A 75 -10.81 3.31 -11.68
N THR A 76 -10.78 4.36 -12.50
CA THR A 76 -10.76 5.70 -11.95
C THR A 76 -12.08 6.09 -11.26
N LYS A 77 -13.17 5.41 -11.57
CA LYS A 77 -14.45 5.74 -10.93
C LYS A 77 -14.43 5.37 -9.46
N ILE A 78 -13.58 4.42 -9.08
CA ILE A 78 -13.50 4.02 -7.68
C ILE A 78 -12.20 4.46 -7.02
N ILE A 79 -11.36 5.21 -7.73
CA ILE A 79 -10.07 5.58 -7.15
C ILE A 79 -10.16 6.71 -6.11
N THR A 80 -11.14 7.58 -6.22
CA THR A 80 -11.23 8.69 -5.28
C THR A 80 -11.45 8.23 -3.83
N PRO A 81 -12.41 7.32 -3.60
CA PRO A 81 -12.53 6.79 -2.24
C PRO A 81 -11.26 6.05 -1.81
N ALA A 82 -10.58 5.39 -2.74
CA ALA A 82 -9.39 4.65 -2.33
C ALA A 82 -8.31 5.62 -1.82
N ILE A 83 -8.08 6.73 -2.54
CA ILE A 83 -7.07 7.69 -2.12
C ILE A 83 -7.49 8.31 -0.78
N THR A 84 -8.78 8.64 -0.67
CA THR A 84 -9.29 9.25 0.54
C THR A 84 -9.00 8.37 1.76
N ARG A 85 -9.15 7.06 1.61
CA ARG A 85 -8.88 6.15 2.72
C ARG A 85 -7.40 6.18 3.14
N VAL A 86 -6.49 6.38 2.19
CA VAL A 86 -5.08 6.49 2.56
C VAL A 86 -4.86 7.75 3.34
N VAL A 87 -5.46 8.85 2.89
CA VAL A 87 -5.40 10.11 3.64
C VAL A 87 -5.99 9.92 5.07
N ASP A 88 -7.14 9.25 5.17
CA ASP A 88 -7.78 9.06 6.50
C ASP A 88 -6.85 8.24 7.39
N PHE A 89 -6.18 7.24 6.80
CA PHE A 89 -5.27 6.40 7.58
C PHE A 89 -4.15 7.27 8.13
N ALA A 90 -3.51 8.05 7.24
CA ALA A 90 -2.39 8.89 7.68
C ALA A 90 -2.78 9.86 8.78
N LYS A 91 -3.93 10.50 8.62
CA LYS A 91 -4.36 11.49 9.60
C LYS A 91 -4.58 10.87 10.97
N LYS A 92 -4.72 9.55 11.02
CA LYS A 92 -4.93 8.92 12.31
C LYS A 92 -3.64 8.57 13.06
N LEU A 93 -2.49 8.84 12.45
CA LEU A 93 -1.22 8.62 13.16
C LEU A 93 -0.72 9.95 13.74
N PRO A 94 -0.57 10.03 15.07
CA PRO A 94 -0.18 11.32 15.64
C PRO A 94 1.12 11.88 15.06
N MET A 95 2.08 11.02 14.72
CA MET A 95 3.33 11.58 14.22
C MET A 95 3.17 12.20 12.86
N PHE A 96 2.14 11.79 12.12
CA PHE A 96 1.86 12.43 10.84
C PHE A 96 1.05 13.69 11.06
N SER A 97 0.00 13.60 11.88
CA SER A 97 -0.93 14.72 11.98
C SER A 97 -0.33 15.92 12.72
N GLU A 98 0.80 15.72 13.42
CA GLU A 98 1.43 16.88 14.06
C GLU A 98 2.46 17.60 13.15
N LEU A 99 2.68 17.08 11.96
CA LEU A 99 3.55 17.74 10.98
C LEU A 99 2.88 18.98 10.41
N PRO A 100 3.69 19.94 9.90
CA PRO A 100 3.13 21.07 9.12
C PRO A 100 2.20 20.57 8.02
N GLU A 102 1.86 21.33 4.97
CA GLU A 102 2.63 21.19 3.74
C GLU A 102 3.44 19.90 3.71
N ASP A 103 4.02 19.52 4.85
CA ASP A 103 4.75 18.26 4.92
C ASP A 103 3.77 17.09 4.79
N GLN A 104 2.60 17.19 5.41
CA GLN A 104 1.64 16.10 5.29
C GLN A 104 1.27 15.88 3.80
N ILE A 105 1.06 16.96 3.05
CA ILE A 105 0.70 16.82 1.63
C ILE A 105 1.82 16.11 0.85
N ILE A 106 3.05 16.56 1.05
CA ILE A 106 4.22 15.96 0.39
C ILE A 106 4.34 14.46 0.73
N LEU A 107 4.19 14.12 1.99
CA LEU A 107 4.27 12.70 2.35
C LEU A 107 3.18 11.88 1.70
N LEU A 108 1.94 12.42 1.65
CA LEU A 108 0.82 11.67 1.07
C LEU A 108 1.02 11.45 -0.44
N LYS A 109 1.42 12.51 -1.14
CA LYS A 109 1.68 12.37 -2.57
C LYS A 109 2.81 11.39 -2.79
N GLY A 110 3.81 11.42 -1.91
CA GLY A 110 4.95 10.53 -2.03
C GLY A 110 4.62 9.04 -1.91
N CYS A 111 3.66 8.68 -1.05
CA CYS A 111 3.41 7.25 -0.76
C CYS A 111 2.06 6.75 -1.26
N CYS A 112 1.22 7.60 -1.84
CA CYS A 112 -0.16 7.19 -2.03
C CYS A 112 -0.24 5.88 -2.84
N MET A 113 0.48 5.82 -3.95
CA MET A 113 0.40 4.63 -4.81
C MET A 113 1.07 3.42 -4.15
N GLU A 114 2.14 3.66 -3.39
CA GLU A 114 2.77 2.57 -2.63
C GLU A 114 1.78 1.91 -1.71
N ILE A 115 1.01 2.71 -0.97
CA ILE A 115 0.04 2.15 -0.04
C ILE A 115 -1.14 1.50 -0.75
N MET A 116 -1.70 2.17 -1.76
CA MET A 116 -2.81 1.57 -2.50
C MET A 116 -2.36 0.24 -3.13
N SER A 117 -1.15 0.21 -3.66
CA SER A 117 -0.67 -1.02 -4.32
C SER A 117 -0.55 -2.14 -3.32
N LEU A 118 -0.08 -1.82 -2.14
CA LEU A 118 0.06 -2.81 -1.07
C LEU A 118 -1.34 -3.32 -0.66
N ARG A 119 -2.30 -2.40 -0.56
CA ARG A 119 -3.66 -2.78 -0.17
C ARG A 119 -4.25 -3.70 -1.24
N ALA A 120 -3.96 -3.43 -2.52
CA ALA A 120 -4.50 -4.34 -3.56
C ALA A 120 -3.76 -5.67 -3.52
N ALA A 121 -2.44 -5.63 -3.41
CA ALA A 121 -1.64 -6.84 -3.32
C ALA A 121 -2.00 -7.78 -2.17
N VAL A 122 -2.33 -7.24 -1.00
CA VAL A 122 -2.71 -8.18 0.05
C VAL A 122 -4.07 -8.82 -0.20
N ARG A 123 -4.81 -8.35 -1.21
CA ARG A 123 -6.09 -8.99 -1.55
C ARG A 123 -5.93 -9.84 -2.81
N TYR A 124 -4.72 -10.31 -3.06
CA TYR A 124 -4.51 -11.23 -4.17
C TYR A 124 -5.19 -12.54 -3.83
N ASP A 125 -5.92 -13.12 -4.79
CA ASP A 125 -6.54 -14.45 -4.61
C ASP A 125 -5.89 -15.50 -5.51
N PRO A 126 -5.15 -16.43 -4.93
CA PRO A 126 -4.40 -17.42 -5.70
C PRO A 126 -5.30 -18.26 -6.61
N GLU A 127 -6.48 -18.61 -6.11
CA GLU A 127 -7.42 -19.48 -6.81
C GLU A 127 -7.90 -18.89 -8.13
N SER A 128 -8.34 -17.64 -8.10
CA SER A 128 -8.82 -16.98 -9.31
C SER A 128 -7.71 -16.18 -9.97
N ASP A 129 -6.57 -16.07 -9.30
CA ASP A 129 -5.46 -15.29 -9.81
C ASP A 129 -5.91 -13.86 -10.15
N THR A 130 -6.60 -13.24 -9.20
CA THR A 130 -7.04 -11.85 -9.31
C THR A 130 -6.63 -10.99 -8.11
N LEU A 131 -6.59 -9.68 -8.32
CA LEU A 131 -6.50 -8.72 -7.24
C LEU A 131 -7.90 -8.16 -7.04
N THR A 132 -8.25 -7.82 -5.81
CA THR A 132 -9.54 -7.19 -5.56
C THR A 132 -9.27 -5.75 -5.21
N LEU A 133 -9.67 -4.83 -6.09
CA LEU A 133 -9.45 -3.39 -5.86
C LEU A 133 -10.51 -2.85 -4.91
N SER A 134 -10.04 -2.22 -3.83
CA SER A 134 -10.92 -1.60 -2.83
C SER A 134 -11.82 -2.63 -2.17
N GLY A 135 -11.41 -3.89 -2.25
CA GLY A 135 -12.19 -4.98 -1.68
C GLY A 135 -13.54 -5.20 -2.33
N GLU A 136 -13.74 -4.64 -3.51
CA GLU A 136 -14.99 -4.86 -4.23
C GLU A 136 -14.83 -5.27 -5.69
N MET A 137 -13.73 -4.92 -6.33
CA MET A 137 -13.66 -5.20 -7.77
C MET A 137 -12.54 -6.17 -8.07
N ALA A 138 -12.88 -7.41 -8.43
CA ALA A 138 -11.85 -8.39 -8.72
C ALA A 138 -11.40 -8.16 -10.15
N VAL A 139 -10.10 -8.00 -10.37
CA VAL A 139 -9.54 -7.81 -11.71
C VAL A 139 -8.47 -8.82 -12.06
N LYS A 140 -8.42 -9.17 -13.34
CA LYS A 140 -7.39 -10.05 -13.89
C LYS A 140 -6.19 -9.22 -14.32
N ARG A 141 -5.04 -9.88 -14.47
CA ARG A 141 -3.78 -9.22 -14.86
C ARG A 141 -3.94 -8.37 -16.11
N GLU A 142 -4.54 -8.97 -17.14
CA GLU A 142 -4.76 -8.30 -18.40
C GLU A 142 -5.64 -7.04 -18.28
N GLN A 143 -6.72 -7.15 -17.53
CA GLN A 143 -7.60 -5.99 -17.31
C GLN A 143 -6.91 -4.80 -16.62
N LEU A 144 -6.24 -5.08 -15.51
CA LEU A 144 -5.51 -4.03 -14.80
C LEU A 144 -4.36 -3.51 -15.65
N LYS A 145 -3.67 -4.39 -16.36
CA LYS A 145 -2.65 -3.92 -17.30
C LYS A 145 -3.20 -2.95 -18.38
N ASN A 146 -4.32 -3.31 -18.99
CA ASN A 146 -4.83 -2.55 -20.15
C ASN A 146 -5.59 -1.30 -19.72
N GLY A 147 -6.02 -1.25 -18.46
CA GLY A 147 -6.80 -0.13 -17.98
C GLY A 147 -5.96 1.05 -17.51
N GLY A 148 -4.67 1.00 -17.82
CA GLY A 148 -3.82 2.14 -17.55
C GLY A 148 -2.49 1.80 -16.90
N LEU A 149 -2.44 0.69 -16.16
CA LEU A 149 -1.25 0.46 -15.37
C LEU A 149 -0.06 -0.09 -16.17
N GLY A 150 -0.31 -0.71 -17.33
CA GLY A 150 0.80 -1.31 -18.07
C GLY A 150 1.57 -2.36 -17.23
N VAL A 151 2.89 -2.35 -17.32
CA VAL A 151 3.71 -3.29 -16.55
C VAL A 151 3.62 -3.10 -15.05
N VAL A 152 3.14 -1.95 -14.57
CA VAL A 152 2.90 -1.81 -13.13
C VAL A 152 1.94 -2.89 -12.61
N SER A 153 0.99 -3.30 -13.45
CA SER A 153 0.06 -4.32 -13.06
C SER A 153 0.76 -5.66 -12.82
N ASP A 154 1.67 -6.05 -13.71
CA ASP A 154 2.42 -7.29 -13.50
C ASP A 154 3.22 -7.23 -12.19
N ALA A 155 3.86 -6.10 -11.89
CA ALA A 155 4.58 -5.94 -10.62
C ALA A 155 3.70 -6.10 -9.39
N ILE A 156 2.49 -5.52 -9.43
CA ILE A 156 1.56 -5.66 -8.30
C ILE A 156 1.09 -7.09 -8.09
N PHE A 157 0.72 -7.76 -9.18
CA PHE A 157 0.34 -9.16 -9.10
C PHE A 157 1.50 -9.99 -8.56
N GLU A 158 2.70 -9.73 -9.04
CA GLU A 158 3.84 -10.50 -8.58
C GLU A 158 4.00 -10.31 -7.07
N LEU A 159 3.93 -9.07 -6.62
CA LEU A 159 4.03 -8.80 -5.19
C LEU A 159 2.91 -9.52 -4.45
N GLY A 160 1.67 -9.41 -4.96
CA GLY A 160 0.54 -10.02 -4.27
C GLY A 160 0.72 -11.54 -4.15
N LYS A 161 1.19 -12.17 -5.21
CA LYS A 161 1.42 -13.60 -5.18
C LYS A 161 2.50 -14.00 -4.17
N SER A 162 3.59 -13.24 -4.10
CA SER A 162 4.63 -13.55 -3.14
C SER A 162 4.21 -13.25 -1.70
N LEU A 163 3.40 -12.21 -1.48
CA LEU A 163 2.92 -11.89 -0.12
C LEU A 163 2.00 -12.95 0.46
N SER A 164 1.34 -13.74 -0.38
CA SER A 164 0.46 -14.81 0.13
C SER A 164 1.10 -15.69 1.18
N ALA A 165 2.34 -16.08 0.95
CA ALA A 165 3.05 -16.94 1.90
C ALA A 165 3.55 -16.20 3.14
N PHE A 166 3.48 -14.87 3.14
CA PHE A 166 3.92 -14.17 4.34
C PHE A 166 2.82 -14.17 5.42
N ASN A 167 1.58 -14.45 5.04
CA ASN A 167 0.46 -14.37 5.99
C ASN A 167 0.47 -13.13 6.87
N LEU A 168 0.53 -11.97 6.27
CA LEU A 168 0.61 -10.74 7.04
C LEU A 168 -0.69 -10.54 7.80
N ASP A 169 -0.64 -9.99 9.00
CA ASP A 169 -1.89 -9.63 9.67
C ASP A 169 -2.10 -8.10 9.50
N ASP A 170 -3.20 -7.58 10.02
CA ASP A 170 -3.52 -6.16 9.94
C ASP A 170 -2.42 -5.26 10.47
N THR A 171 -1.76 -5.68 11.56
CA THR A 171 -0.70 -4.89 12.17
C THR A 171 0.47 -4.78 11.21
N GLU A 172 0.85 -5.89 10.60
CA GLU A 172 1.99 -5.86 9.70
C GLU A 172 1.69 -4.99 8.47
N VAL A 173 0.48 -5.08 7.93
CA VAL A 173 0.12 -4.18 6.81
C VAL A 173 0.13 -2.70 7.25
N ALA A 174 -0.43 -2.42 8.42
CA ALA A 174 -0.46 -1.08 8.98
C ALA A 174 0.95 -0.51 9.17
N LEU A 175 1.88 -1.32 9.67
CA LEU A 175 3.22 -0.81 9.92
C LEU A 175 4.00 -0.65 8.63
N LEU A 176 3.77 -1.50 7.64
CA LEU A 176 4.37 -1.27 6.33
C LEU A 176 3.91 0.09 5.80
N GLN A 177 2.62 0.35 5.90
CA GLN A 177 2.04 1.64 5.48
C GLN A 177 2.68 2.81 6.18
N ALA A 178 2.89 2.69 7.49
CA ALA A 178 3.48 3.80 8.25
C ALA A 178 4.94 4.02 7.81
N VAL A 179 5.64 2.92 7.54
CA VAL A 179 7.03 3.03 7.09
C VAL A 179 7.09 3.68 5.71
N LEU A 180 6.14 3.32 4.84
CA LEU A 180 6.06 3.95 3.52
C LEU A 180 5.73 5.44 3.61
N LEU A 181 4.76 5.78 4.46
CA LEU A 181 4.32 7.15 4.64
C LEU A 181 5.41 8.07 5.17
N MET A 182 6.08 7.64 6.23
CA MET A 182 7.00 8.53 6.95
C MET A 182 8.34 8.47 6.30
N SER A 183 8.42 8.88 5.04
CA SER A 183 9.71 8.80 4.35
C SER A 183 10.26 10.18 4.05
N THR A 184 11.58 10.36 4.17
CA THR A 184 12.19 11.65 3.79
C THR A 184 12.75 11.68 2.38
N ASP A 185 12.49 10.65 1.58
CA ASP A 185 12.94 10.69 0.18
C ASP A 185 11.94 11.50 -0.64
N ARG A 186 11.56 12.68 -0.17
CA ARG A 186 10.69 13.56 -0.94
C ARG A 186 11.34 14.90 -0.95
N SER A 187 10.95 15.77 -1.88
CA SER A 187 11.58 17.09 -1.83
C SER A 187 10.65 18.12 -1.18
N GLY A 188 11.24 19.10 -0.54
CA GLY A 188 10.50 20.25 -0.05
C GLY A 188 9.96 20.07 1.36
N LEU A 189 10.41 19.02 2.05
CA LEU A 189 9.97 18.76 3.41
C LEU A 189 10.62 19.77 4.38
N LEU A 190 9.87 20.24 5.35
CA LEU A 190 10.50 21.04 6.41
C LEU A 190 11.03 20.20 7.56
N VAL A 192 12.31 17.39 8.24
CA VAL A 192 13.03 16.18 7.86
C VAL A 192 13.45 15.31 9.05
N ASP A 193 14.05 15.92 10.08
CA ASP A 193 14.61 15.13 11.18
C ASP A 193 13.51 14.43 11.94
N LYS A 194 12.41 15.14 12.13
CA LYS A 194 11.28 14.61 12.87
C LYS A 194 10.63 13.45 12.10
N ILE A 195 10.46 13.62 10.80
CA ILE A 195 9.92 12.52 9.98
C ILE A 195 10.83 11.30 10.05
N GLU A 196 12.13 11.53 9.97
CA GLU A 196 13.09 10.40 10.04
C GLU A 196 13.03 9.68 11.38
N LYS A 197 12.95 10.45 12.45
CA LYS A 197 12.86 9.88 13.78
C LYS A 197 11.58 9.06 13.90
N SER A 198 10.50 9.54 13.31
CA SER A 198 9.26 8.77 13.31
C SER A 198 9.39 7.49 12.50
N GLN A 199 10.00 7.57 11.33
CA GLN A 199 10.17 6.33 10.58
C GLN A 199 10.98 5.32 11.38
N GLU A 200 12.05 5.80 12.02
CA GLU A 200 12.91 4.91 12.77
C GLU A 200 12.13 4.25 13.92
N ALA A 201 11.27 5.01 14.59
CA ALA A 201 10.43 4.45 15.66
C ALA A 201 9.49 3.38 15.11
N TYR A 202 8.83 3.66 13.99
CA TYR A 202 7.96 2.63 13.35
C TYR A 202 8.74 1.39 12.90
N LEU A 203 9.90 1.59 12.27
CA LEU A 203 10.72 0.46 11.82
C LEU A 203 11.12 -0.44 12.98
N LEU A 204 11.55 0.14 14.10
CA LEU A 204 11.94 -0.67 15.25
C LEU A 204 10.74 -1.38 15.89
N ALA A 205 9.63 -0.67 16.01
CA ALA A 205 8.43 -1.31 16.53
C ALA A 205 8.00 -2.48 15.61
N PHE A 206 8.22 -2.31 14.30
CA PHE A 206 7.79 -3.29 13.29
C PHE A 206 8.71 -4.48 13.43
N GLU A 207 10.03 -4.25 13.52
CA GLU A 207 10.94 -5.37 13.65
C GLU A 207 10.58 -6.20 14.91
N HIS A 208 10.33 -5.50 16.02
CA HIS A 208 10.00 -6.15 17.30
C HIS A 208 8.64 -6.89 17.22
N TYR A 209 7.67 -6.34 16.47
CA TYR A 209 6.38 -7.01 16.32
C TYR A 209 6.54 -8.28 15.50
N VAL A 210 7.37 -8.21 14.46
CA VAL A 210 7.76 -9.39 13.71
C VAL A 210 8.39 -10.49 14.57
N ASN A 211 9.30 -10.12 15.47
CA ASN A 211 9.81 -11.12 16.42
C ASN A 211 8.66 -11.74 17.23
N HIS A 212 7.74 -10.90 17.68
CA HIS A 212 6.64 -11.36 18.53
C HIS A 212 5.78 -12.41 17.83
N ARG A 213 5.60 -12.26 16.53
CA ARG A 213 4.68 -13.09 15.75
C ARG A 213 5.25 -14.47 15.43
N LYS A 214 6.56 -14.59 15.41
CA LYS A 214 7.15 -15.90 15.19
C LYS A 214 6.56 -16.56 13.94
N HIS A 215 6.77 -15.93 12.78
CA HIS A 215 6.36 -16.51 11.51
C HIS A 215 7.12 -17.80 11.23
N ASN A 216 6.49 -18.72 10.51
CA ASN A 216 7.14 -19.98 10.19
C ASN A 216 8.17 -19.88 9.06
N ILE A 217 8.10 -18.84 8.23
CA ILE A 217 9.09 -18.69 7.17
C ILE A 217 10.36 -17.97 7.65
N PRO A 218 11.54 -18.46 7.22
CA PRO A 218 12.76 -17.90 7.81
C PRO A 218 13.15 -16.55 7.19
N HIS A 219 13.98 -15.80 7.91
CA HIS A 219 14.51 -14.54 7.41
C HIS A 219 13.38 -13.57 7.12
N PHE A 220 12.32 -13.64 7.92
CA PHE A 220 11.12 -12.86 7.66
C PHE A 220 11.37 -11.34 7.56
N TRP A 221 12.07 -10.79 8.54
CA TRP A 221 12.27 -9.35 8.57
C TRP A 221 13.00 -8.81 7.33
N PRO A 222 14.17 -9.36 6.98
CA PRO A 222 14.77 -8.83 5.74
C PRO A 222 13.88 -9.10 4.51
N LYS A 223 13.17 -10.21 4.48
CA LYS A 223 12.28 -10.48 3.33
C LYS A 223 11.22 -9.39 3.21
N LEU A 224 10.75 -8.93 4.35
CA LEU A 224 9.72 -7.90 4.37
C LEU A 224 10.26 -6.56 3.93
N LEU A 225 11.48 -6.23 4.36
CA LEU A 225 12.14 -5.01 3.91
C LEU A 225 12.33 -5.00 2.39
N MET A 226 12.58 -6.15 1.80
CA MET A 226 12.77 -6.22 0.36
C MET A 226 11.44 -5.88 -0.32
N LYS A 227 10.32 -6.24 0.30
CA LYS A 227 9.00 -5.89 -0.24
C LYS A 227 8.75 -4.38 -0.13
N VAL A 228 9.21 -3.74 0.92
CA VAL A 228 9.16 -2.28 0.97
C VAL A 228 9.85 -1.71 -0.23
N THR A 229 11.05 -2.21 -0.54
CA THR A 229 11.77 -1.75 -1.74
C THR A 229 10.95 -1.95 -3.00
N ASP A 230 10.33 -3.13 -3.16
CA ASP A 230 9.51 -3.38 -4.37
C ASP A 230 8.35 -2.40 -4.45
N LEU A 231 7.75 -2.09 -3.32
CA LEU A 231 6.63 -1.17 -3.33
C LEU A 231 7.07 0.22 -3.76
N ARG A 232 8.26 0.65 -3.31
CA ARG A 232 8.72 1.97 -3.73
C ARG A 232 9.03 1.98 -5.23
N MET A 233 9.53 0.87 -5.77
CA MET A 233 9.73 0.79 -7.23
C MET A 233 8.40 0.83 -7.97
N ILE A 234 7.37 0.22 -7.39
CA ILE A 234 6.04 0.25 -7.99
C ILE A 234 5.53 1.69 -8.01
N GLY A 235 5.74 2.38 -6.89
CA GLY A 235 5.35 3.79 -6.80
C GLY A 235 6.03 4.63 -7.88
N ALA A 236 7.30 4.34 -8.14
CA ALA A 236 8.06 5.17 -9.08
C ALA A 236 7.63 4.87 -10.51
N HIS A 238 4.72 3.85 -11.43
CA HIS A 238 3.41 4.50 -11.54
C HIS A 238 3.54 6.01 -11.77
N ALA A 239 4.46 6.67 -11.07
CA ALA A 239 4.56 8.12 -11.21
C ALA A 239 5.02 8.43 -12.62
N SER A 240 5.98 7.65 -13.12
CA SER A 240 6.44 7.83 -14.49
C SER A 240 5.32 7.60 -15.52
N ARG A 241 4.60 6.50 -15.36
CA ARG A 241 3.51 6.21 -16.29
C ARG A 241 2.37 7.25 -16.24
N PHE A 242 2.09 7.76 -15.04
CA PHE A 242 1.04 8.75 -14.88
C PHE A 242 1.36 10.00 -15.70
N LEU A 243 2.64 10.39 -15.69
CA LEU A 243 3.04 11.53 -16.51
C LEU A 243 2.67 11.33 -17.98
N HIS A 244 2.93 10.12 -18.49
CA HIS A 244 2.58 9.83 -19.87
C HIS A 244 1.08 9.84 -20.08
N MET A 245 0.33 9.32 -19.12
CA MET A 245 -1.14 9.31 -19.22
C MET A 245 -1.62 10.73 -19.45
N LYS A 246 -1.01 11.67 -18.74
CA LYS A 246 -1.49 13.04 -18.75
C LYS A 246 -1.17 13.76 -20.03
N VAL A 247 -0.07 13.34 -20.64
CA VAL A 247 0.29 13.82 -21.97
C VAL A 247 -0.69 13.30 -23.04
N GLU A 248 -1.13 12.04 -22.90
CA GLU A 248 -1.97 11.45 -23.94
C GLU A 248 -3.45 11.80 -23.79
N PRO A 250 -7.08 13.73 -22.10
CA PRO A 250 -7.61 15.01 -21.62
C PRO A 250 -7.92 14.92 -20.16
N THR A 251 -7.86 16.07 -19.50
CA THR A 251 -8.00 16.14 -18.06
C THR A 251 -9.32 15.58 -17.58
N GLU A 252 -10.37 15.68 -18.40
CA GLU A 252 -11.72 15.31 -17.98
C GLU A 252 -11.84 13.81 -17.66
N LEU A 253 -10.91 13.00 -18.17
CA LEU A 253 -10.94 11.58 -17.86
C LEU A 253 -10.33 11.24 -16.48
N PHE A 254 -9.72 12.22 -15.80
CA PHE A 254 -9.03 11.97 -14.53
C PHE A 254 -9.83 12.62 -13.40
N PRO A 255 -10.27 11.86 -12.38
CA PRO A 255 -10.90 12.53 -11.24
C PRO A 255 -9.94 13.52 -10.57
N PRO A 256 -10.48 14.62 -10.04
CA PRO A 256 -9.68 15.71 -9.49
C PRO A 256 -8.66 15.25 -8.46
N LEU A 257 -9.08 14.37 -7.55
CA LEU A 257 -8.20 13.96 -6.49
C LEU A 257 -7.03 13.14 -7.06
N PHE A 258 -7.32 12.35 -8.09
CA PHE A 258 -6.35 11.49 -8.75
C PHE A 258 -5.27 12.39 -9.35
N LEU A 259 -5.67 13.43 -10.06
CA LEU A 259 -4.72 14.42 -10.56
C LEU A 259 -3.92 15.09 -9.46
N GLU A 260 -4.61 15.48 -8.39
CA GLU A 260 -3.90 16.20 -7.32
C GLU A 260 -2.76 15.36 -6.72
N VAL A 261 -3.04 14.10 -6.46
CA VAL A 261 -2.10 13.24 -5.78
C VAL A 261 -0.85 12.99 -6.61
N PHE A 262 -1.04 12.80 -7.90
CA PHE A 262 0.02 12.27 -8.73
C PHE A 262 0.63 13.33 -9.63
N GLU A 263 0.34 14.57 -9.26
N GLU A 263 0.10 14.54 -9.60
CA GLU A 263 0.84 15.82 -9.86
CA GLU A 263 0.23 15.44 -10.76
C GLU A 263 2.30 15.92 -10.31
C GLU A 263 1.57 16.15 -10.93
N ASP A 264 3.23 16.09 -9.37
N ASP A 264 1.68 16.85 -12.07
CA ASP A 264 4.61 16.42 -9.73
CA ASP A 264 2.80 17.73 -12.38
C ASP A 264 5.60 15.35 -9.33
C ASP A 264 4.16 17.02 -12.46
#